data_7UMP
#
_entry.id   7UMP
#
_cell.length_a   111.400
_cell.length_b   111.400
_cell.length_c   40.420
_cell.angle_alpha   90.00
_cell.angle_beta   90.00
_cell.angle_gamma   120.00
#
_symmetry.space_group_name_H-M   'P 63'
#
loop_
_entity.id
_entity.type
_entity.pdbx_description
1 polymer 'Egl nine homolog 1'
2 non-polymer 'FE (II) ION'
3 non-polymer Vadadustat
4 non-polymer 1,2-ETHANEDIOL
5 water water
#
_entity_poly.entity_id   1
_entity_poly.type   'polypeptide(L)'
_entity_poly.pdbx_seq_one_letter_code
;LPALKLALEYIVPCMNKHGICVVDDFLGKETGQQIGDEVRALHDTGKFTDGMLVAQKSDSSKDIRGDKITWIEGKEPGCE
TIGLLMSSMDDLIRHCNGKLGSYKINGRTKAMVACYPGNGTGYVRHVDNPNGDGRCVTCIYYLNKDWDAKVSGGILRIFP
EGKAQFADIEPKFDRLLFFWSDRRNPHEVQPAYATRYAITVWYFDADERARAKVKY
;
_entity_poly.pdbx_strand_id   A
#
# COMPACT_ATOMS: atom_id res chain seq x y z
N LEU A 1 8.08 2.03 -19.77
CA LEU A 1 9.39 2.20 -19.14
C LEU A 1 9.91 0.89 -18.55
N PRO A 2 11.11 0.48 -18.96
CA PRO A 2 11.71 -0.71 -18.34
C PRO A 2 11.99 -0.49 -16.87
N ALA A 3 11.81 -1.56 -16.09
CA ALA A 3 11.89 -1.47 -14.64
C ALA A 3 13.24 -0.93 -14.17
N LEU A 4 14.32 -1.32 -14.84
CA LEU A 4 15.65 -0.87 -14.41
C LEU A 4 15.81 0.63 -14.58
N LYS A 5 15.24 1.19 -15.65
CA LYS A 5 15.32 2.63 -15.85
C LYS A 5 14.52 3.37 -14.78
N LEU A 6 13.28 2.94 -14.54
CA LEU A 6 12.48 3.52 -13.47
C LEU A 6 13.21 3.41 -12.13
N ALA A 7 13.78 2.23 -11.85
CA ALA A 7 14.47 2.02 -10.58
C ALA A 7 15.69 2.92 -10.46
N LEU A 8 16.59 2.89 -11.45
CA LEU A 8 17.86 3.58 -11.30
C LEU A 8 17.69 5.09 -11.40
N GLU A 9 16.84 5.56 -12.31
CA GLU A 9 16.74 6.99 -12.56
C GLU A 9 15.71 7.68 -11.67
N TYR A 10 14.88 6.94 -10.93
CA TYR A 10 13.82 7.60 -10.18
C TYR A 10 13.63 7.01 -8.78
N ILE A 11 13.32 5.72 -8.68
CA ILE A 11 12.94 5.16 -7.39
C ILE A 11 14.11 5.21 -6.42
N VAL A 12 15.30 4.75 -6.85
CA VAL A 12 16.45 4.74 -5.95
C VAL A 12 16.81 6.16 -5.49
N PRO A 13 16.98 7.15 -6.39
CA PRO A 13 17.28 8.51 -5.89
C PRO A 13 16.17 9.10 -5.03
N CYS A 14 14.89 8.92 -5.41
CA CYS A 14 13.79 9.43 -4.59
C CYS A 14 13.80 8.81 -3.19
N MET A 15 13.97 7.49 -3.11
CA MET A 15 13.92 6.83 -1.80
C MET A 15 15.10 7.25 -0.93
N ASN A 16 16.29 7.35 -1.50
CA ASN A 16 17.43 7.64 -0.64
C ASN A 16 17.41 9.09 -0.17
N LYS A 17 16.81 9.99 -0.95
CA LYS A 17 16.75 11.41 -0.59
C LYS A 17 15.55 11.75 0.29
N HIS A 18 14.38 11.18 0.02
CA HIS A 18 13.15 11.58 0.69
C HIS A 18 12.46 10.45 1.45
N GLY A 19 12.83 9.20 1.21
CA GLY A 19 12.18 8.08 1.86
C GLY A 19 10.80 7.76 1.34
N ILE A 20 10.38 8.40 0.26
CA ILE A 20 9.06 8.27 -0.36
C ILE A 20 9.25 8.40 -1.86
N CYS A 21 8.49 7.63 -2.64
CA CYS A 21 8.54 7.77 -4.09
C CYS A 21 7.18 7.49 -4.69
N VAL A 22 6.69 8.41 -5.53
CA VAL A 22 5.42 8.26 -6.23
C VAL A 22 5.68 8.07 -7.71
N VAL A 23 5.12 7.01 -8.28
CA VAL A 23 5.20 6.72 -9.71
C VAL A 23 3.79 6.74 -10.27
N ASP A 24 3.51 7.68 -11.17
CA ASP A 24 2.19 7.71 -11.78
C ASP A 24 2.18 6.94 -13.10
N ASP A 25 0.97 6.56 -13.51
CA ASP A 25 0.73 5.79 -14.74
C ASP A 25 1.62 4.55 -14.82
N PHE A 26 1.60 3.75 -13.74
CA PHE A 26 2.55 2.65 -13.59
C PHE A 26 2.33 1.56 -14.64
N LEU A 27 1.10 1.06 -14.75
CA LEU A 27 0.79 -0.06 -15.64
C LEU A 27 -0.01 0.31 -16.87
N GLY A 28 -0.59 1.51 -16.92
CA GLY A 28 -1.40 1.89 -18.07
C GLY A 28 -2.87 1.61 -17.84
N LYS A 29 -3.72 2.25 -18.68
CA LYS A 29 -5.15 2.26 -18.41
C LYS A 29 -5.77 0.87 -18.50
N GLU A 30 -5.37 0.08 -19.50
CA GLU A 30 -5.99 -1.23 -19.72
C GLU A 30 -5.74 -2.17 -18.56
N THR A 31 -4.47 -2.32 -18.16
CA THR A 31 -4.13 -3.20 -17.05
C THR A 31 -4.69 -2.66 -15.74
N GLY A 32 -4.59 -1.34 -15.53
CA GLY A 32 -5.16 -0.75 -14.33
C GLY A 32 -6.63 -1.05 -14.17
N GLN A 33 -7.39 -0.98 -15.27
CA GLN A 33 -8.82 -1.25 -15.19
C GLN A 33 -9.09 -2.73 -14.94
N GLN A 34 -8.25 -3.61 -15.50
CA GLN A 34 -8.42 -5.04 -15.23
C GLN A 34 -8.19 -5.34 -13.75
N ILE A 35 -7.18 -4.73 -13.15
CA ILE A 35 -6.97 -4.87 -11.70
C ILE A 35 -8.18 -4.36 -10.94
N GLY A 36 -8.72 -3.20 -11.34
CA GLY A 36 -9.95 -2.71 -10.74
C GLY A 36 -11.09 -3.69 -10.82
N ASP A 37 -11.27 -4.31 -11.99
CA ASP A 37 -12.33 -5.31 -12.14
C ASP A 37 -12.11 -6.50 -11.22
N GLU A 38 -10.87 -6.94 -11.04
CA GLU A 38 -10.60 -8.08 -10.19
C GLU A 38 -10.86 -7.74 -8.72
N VAL A 39 -10.48 -6.54 -8.30
CA VAL A 39 -10.71 -6.12 -6.92
C VAL A 39 -12.20 -5.96 -6.64
N ARG A 40 -12.93 -5.35 -7.58
CA ARG A 40 -14.37 -5.21 -7.41
C ARG A 40 -15.05 -6.58 -7.34
N ALA A 41 -14.56 -7.56 -8.11
CA ALA A 41 -15.17 -8.89 -8.04
C ALA A 41 -14.89 -9.57 -6.69
N LEU A 42 -13.69 -9.38 -6.14
CA LEU A 42 -13.42 -9.83 -4.78
C LEU A 42 -14.40 -9.21 -3.80
N HIS A 43 -14.65 -7.91 -3.95
CA HIS A 43 -15.58 -7.20 -3.07
C HIS A 43 -17.00 -7.73 -3.24
N ASP A 44 -17.46 -7.83 -4.50
CA ASP A 44 -18.82 -8.26 -4.79
C ASP A 44 -19.12 -9.70 -4.40
N THR A 45 -18.10 -10.56 -4.32
CA THR A 45 -18.32 -11.95 -3.95
C THR A 45 -17.95 -12.23 -2.49
N GLY A 46 -17.80 -11.18 -1.67
CA GLY A 46 -17.66 -11.37 -0.24
C GLY A 46 -16.32 -11.88 0.25
N LYS A 47 -15.25 -11.66 -0.50
CA LYS A 47 -13.94 -12.15 -0.11
C LYS A 47 -13.23 -11.27 0.91
N PHE A 48 -13.68 -10.04 1.13
CA PHE A 48 -13.07 -9.17 2.14
C PHE A 48 -13.64 -9.46 3.52
N THR A 49 -12.87 -9.09 4.56
CA THR A 49 -13.42 -9.07 5.93
C THR A 49 -14.49 -7.97 6.04
N ASP A 50 -15.19 -7.92 7.18
CA ASP A 50 -16.22 -6.91 7.38
C ASP A 50 -15.66 -5.53 7.69
N GLY A 51 -14.39 -5.42 8.07
CA GLY A 51 -13.81 -4.12 8.36
C GLY A 51 -13.28 -3.96 9.78
N MET A 52 -12.24 -3.16 9.93
CA MET A 52 -11.62 -2.91 11.23
C MET A 52 -12.63 -2.30 12.19
N LEU A 53 -12.72 -2.85 13.39
CA LEU A 53 -13.60 -2.26 14.40
C LEU A 53 -13.09 -0.87 14.78
N VAL A 54 -13.92 0.15 14.51
CA VAL A 54 -13.55 1.55 14.74
C VAL A 54 -14.11 2.07 16.06
N ALA A 55 -15.37 1.76 16.36
CA ALA A 55 -16.00 2.14 17.63
C ALA A 55 -16.77 0.93 18.13
N GLN A 56 -16.51 0.55 19.39
CA GLN A 56 -16.96 -0.77 19.86
C GLN A 56 -18.42 -0.76 20.35
N LYS A 57 -18.87 0.30 21.03
CA LYS A 57 -20.29 0.54 21.34
C LYS A 57 -20.98 -0.54 22.17
N SER A 58 -21.63 -0.16 23.28
CA SER A 58 -22.28 -1.17 24.11
C SER A 58 -23.45 -1.85 23.38
N ASP A 59 -24.12 -1.15 22.48
CA ASP A 59 -25.05 -1.77 21.54
C ASP A 59 -24.27 -2.07 20.25
N SER A 60 -23.98 -3.35 20.01
CA SER A 60 -23.17 -3.73 18.85
C SER A 60 -23.86 -3.45 17.52
N SER A 61 -25.17 -3.19 17.52
CA SER A 61 -25.81 -2.68 16.32
C SER A 61 -25.19 -1.37 15.88
N LYS A 62 -24.60 -0.63 16.82
CA LYS A 62 -24.00 0.67 16.56
C LYS A 62 -22.50 0.60 16.28
N ASP A 63 -21.93 -0.60 16.21
CA ASP A 63 -20.52 -0.72 15.85
C ASP A 63 -20.24 -0.01 14.54
N ILE A 64 -19.10 0.66 14.46
CA ILE A 64 -18.61 1.26 13.22
C ILE A 64 -17.39 0.47 12.78
N ARG A 65 -17.38 0.03 11.52
CA ARG A 65 -16.23 -0.66 10.98
C ARG A 65 -15.65 0.12 9.79
N GLY A 66 -14.33 -0.01 9.60
CA GLY A 66 -13.64 0.75 8.58
C GLY A 66 -13.04 -0.11 7.49
N ASP A 67 -11.74 0.04 7.25
CA ASP A 67 -11.06 -0.67 6.18
C ASP A 67 -11.27 -2.18 6.28
N LYS A 68 -11.65 -2.79 5.15
CA LYS A 68 -11.80 -4.23 4.99
C LYS A 68 -10.63 -4.75 4.17
N ILE A 69 -10.22 -6.00 4.45
CA ILE A 69 -9.02 -6.52 3.79
C ILE A 69 -9.23 -7.95 3.29
N THR A 70 -8.40 -8.32 2.33
CA THR A 70 -8.23 -9.70 1.93
C THR A 70 -6.80 -9.90 1.47
N TRP A 71 -6.22 -11.06 1.79
CA TRP A 71 -4.85 -11.38 1.42
C TRP A 71 -4.85 -12.18 0.12
N ILE A 72 -4.02 -11.77 -0.84
CA ILE A 72 -4.05 -12.33 -2.19
C ILE A 72 -2.65 -12.77 -2.58
N GLU A 73 -2.53 -14.03 -3.03
CA GLU A 73 -1.22 -14.55 -3.41
C GLU A 73 -0.85 -14.19 -4.85
N GLY A 74 -1.84 -13.97 -5.72
CA GLY A 74 -1.58 -13.58 -7.09
C GLY A 74 -1.78 -14.66 -8.13
N LYS A 75 -2.01 -15.90 -7.70
CA LYS A 75 -2.23 -17.02 -8.61
C LYS A 75 -3.65 -17.54 -8.57
N GLU A 76 -4.52 -16.95 -7.75
CA GLU A 76 -5.90 -17.41 -7.65
C GLU A 76 -6.65 -17.07 -8.93
N PRO A 77 -7.58 -17.93 -9.36
CA PRO A 77 -8.39 -17.56 -10.53
C PRO A 77 -9.14 -16.27 -10.24
N GLY A 78 -9.18 -15.39 -11.24
CA GLY A 78 -9.73 -14.07 -11.06
C GLY A 78 -8.81 -13.07 -10.38
N CYS A 79 -7.56 -13.46 -10.04
CA CYS A 79 -6.62 -12.55 -9.41
C CYS A 79 -5.29 -12.48 -10.15
N GLU A 80 -5.25 -12.96 -11.40
CA GLU A 80 -3.96 -13.07 -12.07
C GLU A 80 -3.42 -11.72 -12.54
N THR A 81 -4.27 -10.71 -12.72
CA THR A 81 -3.74 -9.39 -13.02
C THR A 81 -3.20 -8.72 -11.76
N ILE A 82 -3.81 -9.00 -10.60
CA ILE A 82 -3.17 -8.62 -9.33
C ILE A 82 -1.81 -9.30 -9.21
N GLY A 83 -1.73 -10.57 -9.63
CA GLY A 83 -0.44 -11.24 -9.68
C GLY A 83 0.56 -10.56 -10.61
N LEU A 84 0.08 -10.10 -11.78
CA LEU A 84 0.92 -9.32 -12.69
C LEU A 84 1.44 -8.05 -12.03
N LEU A 85 0.56 -7.33 -11.33
CA LEU A 85 0.98 -6.16 -10.57
C LEU A 85 2.08 -6.53 -9.57
N MET A 86 1.87 -7.63 -8.83
CA MET A 86 2.82 -8.01 -7.80
C MET A 86 4.17 -8.35 -8.40
N SER A 87 4.17 -9.05 -9.54
CA SER A 87 5.43 -9.34 -10.22
C SER A 87 6.10 -8.08 -10.71
N SER A 88 5.30 -7.09 -11.12
CA SER A 88 5.84 -5.82 -11.60
C SER A 88 6.48 -5.04 -10.46
N MET A 89 5.85 -5.04 -9.29
CA MET A 89 6.47 -4.48 -8.09
C MET A 89 7.80 -5.18 -7.79
N ASP A 90 7.80 -6.51 -7.79
CA ASP A 90 9.03 -7.26 -7.51
C ASP A 90 10.13 -6.92 -8.51
N ASP A 91 9.76 -6.79 -9.79
CA ASP A 91 10.73 -6.45 -10.82
C ASP A 91 11.45 -5.15 -10.49
N LEU A 92 10.69 -4.15 -10.03
CA LEU A 92 11.29 -2.87 -9.65
C LEU A 92 12.22 -3.04 -8.46
N ILE A 93 11.76 -3.74 -7.41
CA ILE A 93 12.58 -3.90 -6.21
C ILE A 93 13.83 -4.70 -6.54
N ARG A 94 13.69 -5.75 -7.35
CA ARG A 94 14.86 -6.55 -7.72
C ARG A 94 15.91 -5.68 -8.41
N HIS A 95 15.47 -4.73 -9.23
CA HIS A 95 16.41 -3.87 -9.94
C HIS A 95 16.92 -2.71 -9.10
N CYS A 96 16.37 -2.52 -7.90
CA CYS A 96 16.88 -1.59 -6.90
C CYS A 96 17.89 -2.21 -5.96
N ASN A 97 17.94 -3.54 -5.86
CA ASN A 97 18.55 -4.16 -4.70
C ASN A 97 20.02 -3.80 -4.60
N GLY A 98 20.47 -3.65 -3.36
CA GLY A 98 21.77 -3.11 -3.07
C GLY A 98 21.83 -1.60 -3.11
N LYS A 99 20.76 -0.91 -3.48
CA LYS A 99 20.79 0.54 -3.56
C LYS A 99 19.71 1.23 -2.75
N LEU A 100 18.77 0.50 -2.15
CA LEU A 100 17.78 1.11 -1.25
C LEU A 100 18.37 1.13 0.15
N GLY A 101 18.95 2.26 0.53
CA GLY A 101 19.69 2.30 1.78
C GLY A 101 20.77 1.23 1.79
N SER A 102 21.02 0.66 2.96
CA SER A 102 21.89 -0.50 3.08
C SER A 102 21.08 -1.79 3.27
N TYR A 103 19.80 -1.75 2.93
CA TYR A 103 18.96 -2.94 3.04
C TYR A 103 19.36 -3.97 2.00
N LYS A 104 19.13 -5.25 2.33
CA LYS A 104 19.21 -6.36 1.38
C LYS A 104 17.86 -7.04 1.39
N ILE A 105 17.05 -6.79 0.36
CA ILE A 105 15.67 -7.28 0.36
C ILE A 105 15.66 -8.72 -0.15
N ASN A 106 15.01 -9.62 0.59
CA ASN A 106 15.03 -11.03 0.23
C ASN A 106 13.67 -11.70 0.26
N GLY A 107 12.59 -10.94 0.35
CA GLY A 107 11.28 -11.54 0.34
C GLY A 107 10.24 -10.46 0.48
N ARG A 108 8.98 -10.88 0.44
CA ARG A 108 7.88 -9.94 0.64
C ARG A 108 6.67 -10.68 1.19
N THR A 109 5.70 -9.89 1.67
CA THR A 109 4.39 -10.43 2.06
C THR A 109 3.57 -10.79 0.82
N LYS A 110 2.49 -11.54 1.05
CA LYS A 110 1.38 -11.56 0.11
C LYS A 110 0.82 -10.15 -0.04
N ALA A 111 -0.07 -9.96 -1.01
CA ALA A 111 -0.70 -8.65 -1.21
C ALA A 111 -1.86 -8.46 -0.24
N MET A 112 -1.88 -7.32 0.45
CA MET A 112 -3.03 -6.95 1.27
C MET A 112 -3.89 -6.02 0.42
N VAL A 113 -5.04 -6.51 -0.03
CA VAL A 113 -5.98 -5.69 -0.76
C VAL A 113 -6.92 -5.02 0.25
N ALA A 114 -7.06 -3.70 0.17
CA ALA A 114 -7.83 -2.96 1.17
C ALA A 114 -9.00 -2.26 0.50
N CYS A 115 -10.11 -2.19 1.20
CA CYS A 115 -11.33 -1.52 0.73
C CYS A 115 -11.84 -0.64 1.86
N TYR A 116 -11.83 0.68 1.65
CA TYR A 116 -12.49 1.60 2.55
C TYR A 116 -13.91 1.83 2.03
N PRO A 117 -14.94 1.56 2.84
CA PRO A 117 -16.30 1.46 2.27
C PRO A 117 -16.95 2.79 1.93
N GLY A 118 -16.36 3.93 2.27
CA GLY A 118 -16.97 5.22 1.99
C GLY A 118 -17.91 5.72 3.07
N ASN A 119 -17.79 5.20 4.30
CA ASN A 119 -18.65 5.60 5.41
C ASN A 119 -17.98 6.61 6.33
N GLY A 120 -17.04 7.40 5.81
CA GLY A 120 -16.36 8.38 6.61
C GLY A 120 -15.24 7.85 7.46
N THR A 121 -14.92 6.56 7.37
CA THR A 121 -13.78 6.04 8.10
C THR A 121 -12.51 6.26 7.28
N GLY A 122 -11.39 6.35 8.00
CA GLY A 122 -10.08 6.42 7.40
C GLY A 122 -9.20 5.39 8.07
N TYR A 123 -7.95 5.79 8.34
CA TYR A 123 -7.02 4.94 9.09
C TYR A 123 -6.17 5.84 9.99
N VAL A 124 -6.14 5.52 11.29
CA VAL A 124 -5.47 6.42 12.24
C VAL A 124 -3.98 6.53 11.94
N ARG A 125 -3.35 7.57 12.48
CA ARG A 125 -1.90 7.76 12.31
C ARG A 125 -1.15 6.57 12.90
N HIS A 126 -0.17 6.07 12.15
CA HIS A 126 0.56 4.87 12.58
C HIS A 126 1.88 4.79 11.83
N VAL A 127 2.74 3.91 12.32
CA VAL A 127 3.94 3.46 11.62
C VAL A 127 3.71 2.00 11.24
N ASP A 128 4.03 1.62 9.99
CA ASP A 128 3.76 0.24 9.57
C ASP A 128 4.58 -0.76 10.40
N ASN A 129 5.88 -0.50 10.57
CA ASN A 129 6.79 -1.43 11.25
C ASN A 129 7.54 -0.65 12.33
N PRO A 130 6.92 -0.47 13.50
CA PRO A 130 7.58 0.31 14.55
C PRO A 130 8.57 -0.50 15.37
N ASN A 131 8.45 -1.82 15.39
CA ASN A 131 9.14 -2.63 16.38
C ASN A 131 10.07 -3.66 15.75
N GLY A 132 10.59 -3.37 14.56
CA GLY A 132 11.65 -4.17 13.97
C GLY A 132 11.22 -5.55 13.52
N ASP A 133 10.11 -5.66 12.78
CA ASP A 133 9.58 -6.96 12.43
C ASP A 133 10.08 -7.47 11.09
N GLY A 134 11.02 -6.76 10.45
CA GLY A 134 11.62 -7.19 9.21
C GLY A 134 11.21 -6.38 7.99
N ARG A 135 10.09 -5.67 8.03
CA ARG A 135 9.59 -5.01 6.84
C ARG A 135 10.28 -3.67 6.67
N CYS A 136 10.94 -3.46 5.52
CA CYS A 136 11.67 -2.22 5.33
C CYS A 136 11.05 -1.29 4.29
N VAL A 137 10.30 -1.82 3.32
CA VAL A 137 9.69 -0.96 2.29
C VAL A 137 8.21 -1.32 2.16
N THR A 138 7.36 -0.29 2.22
CA THR A 138 5.93 -0.40 1.92
C THR A 138 5.70 0.02 0.47
N CYS A 139 4.95 -0.80 -0.27
CA CYS A 139 4.61 -0.52 -1.67
C CYS A 139 3.09 -0.59 -1.81
N ILE A 140 2.46 0.50 -2.27
CA ILE A 140 1.01 0.58 -2.39
C ILE A 140 0.66 0.94 -3.83
N TYR A 141 -0.29 0.22 -4.42
CA TYR A 141 -0.85 0.54 -5.74
C TYR A 141 -2.30 0.97 -5.57
N TYR A 142 -2.64 2.13 -6.12
CA TYR A 142 -4.00 2.65 -6.03
C TYR A 142 -4.72 2.47 -7.36
N LEU A 143 -6.03 2.23 -7.29
CA LEU A 143 -6.73 1.87 -8.51
C LEU A 143 -8.08 2.58 -8.62
N ASN A 144 -8.19 3.79 -8.08
CA ASN A 144 -9.48 4.49 -8.01
C ASN A 144 -9.64 5.44 -9.18
N LYS A 145 -10.42 5.03 -10.16
CA LYS A 145 -10.63 5.80 -11.37
C LYS A 145 -11.33 7.11 -11.05
N ASP A 146 -10.80 8.21 -11.60
CA ASP A 146 -11.37 9.56 -11.45
C ASP A 146 -11.57 9.96 -9.99
N TRP A 147 -10.68 9.52 -9.10
CA TRP A 147 -10.80 9.92 -7.69
C TRP A 147 -10.54 11.42 -7.53
N ASP A 148 -11.47 12.11 -6.86
CA ASP A 148 -11.33 13.53 -6.56
C ASP A 148 -11.40 13.71 -5.04
N ALA A 149 -10.25 13.97 -4.42
CA ALA A 149 -10.16 13.98 -2.96
C ALA A 149 -10.92 15.17 -2.35
N LYS A 150 -11.05 16.29 -3.07
CA LYS A 150 -11.82 17.39 -2.52
C LYS A 150 -13.28 16.99 -2.28
N VAL A 151 -13.77 16.01 -3.03
CA VAL A 151 -15.12 15.53 -2.89
C VAL A 151 -15.20 14.27 -2.04
N SER A 152 -14.28 13.32 -2.25
CA SER A 152 -14.38 12.00 -1.64
C SER A 152 -13.41 11.76 -0.49
N GLY A 153 -12.52 12.71 -0.19
CA GLY A 153 -11.58 12.49 0.91
C GLY A 153 -10.52 11.45 0.59
N GLY A 154 -10.14 10.68 1.61
CA GLY A 154 -9.29 9.52 1.39
C GLY A 154 -7.82 9.82 1.12
N ILE A 155 -7.36 11.03 1.40
CA ILE A 155 -5.95 11.35 1.22
C ILE A 155 -5.08 10.52 2.15
N LEU A 156 -3.98 9.99 1.62
CA LEU A 156 -2.90 9.44 2.46
C LEU A 156 -1.98 10.59 2.84
N ARG A 157 -1.91 10.90 4.13
CA ARG A 157 -1.05 11.97 4.62
C ARG A 157 0.15 11.33 5.29
N ILE A 158 1.34 11.58 4.76
CA ILE A 158 2.58 11.02 5.31
C ILE A 158 3.39 12.16 5.90
N PHE A 159 4.12 11.85 6.96
CA PHE A 159 4.91 12.83 7.66
C PHE A 159 6.39 12.49 7.46
N PRO A 160 6.97 12.86 6.32
CA PRO A 160 8.31 12.35 5.95
C PRO A 160 9.36 12.71 6.97
N GLU A 161 10.33 11.80 7.13
CA GLU A 161 11.34 11.87 8.17
C GLU A 161 10.72 12.04 9.55
N GLY A 162 9.43 11.72 9.68
CA GLY A 162 8.71 11.85 10.93
C GLY A 162 8.34 13.25 11.31
N LYS A 163 8.75 14.26 10.54
CA LYS A 163 8.51 15.65 10.91
C LYS A 163 7.07 16.06 10.58
N ALA A 164 6.62 17.14 11.22
CA ALA A 164 5.21 17.52 11.15
C ALA A 164 4.82 18.06 9.79
N GLN A 165 5.79 18.50 8.98
CA GLN A 165 5.48 18.88 7.60
C GLN A 165 5.08 17.64 6.83
N PHE A 166 3.89 17.65 6.25
CA PHE A 166 3.33 16.42 5.72
C PHE A 166 3.19 16.50 4.20
N ALA A 167 3.09 15.32 3.59
CA ALA A 167 2.81 15.19 2.16
C ALA A 167 1.45 14.53 2.02
N ASP A 168 0.58 15.13 1.21
CA ASP A 168 -0.75 14.60 0.95
C ASP A 168 -0.73 13.90 -0.41
N ILE A 169 -1.07 12.61 -0.41
CA ILE A 169 -1.00 11.79 -1.61
CA ILE A 169 -0.99 11.75 -1.60
C ILE A 169 -2.40 11.29 -1.93
N GLU A 170 -2.93 11.72 -3.07
CA GLU A 170 -4.24 11.24 -3.49
C GLU A 170 -4.16 9.78 -3.92
N PRO A 171 -5.17 8.96 -3.60
CA PRO A 171 -5.16 7.54 -3.99
C PRO A 171 -5.55 7.35 -5.45
N LYS A 172 -4.82 7.98 -6.35
CA LYS A 172 -5.22 8.08 -7.76
C LYS A 172 -5.05 6.77 -8.50
N PHE A 173 -5.89 6.59 -9.52
CA PHE A 173 -5.80 5.45 -10.44
C PHE A 173 -4.39 5.27 -11.02
N ASP A 174 -3.88 4.05 -10.95
CA ASP A 174 -2.61 3.63 -11.56
C ASP A 174 -1.40 4.29 -10.93
N ARG A 175 -1.52 4.74 -9.68
CA ARG A 175 -0.41 5.34 -8.95
C ARG A 175 0.27 4.30 -8.07
N LEU A 176 1.60 4.26 -8.12
CA LEU A 176 2.40 3.41 -7.27
C LEU A 176 3.17 4.27 -6.26
N LEU A 177 3.24 3.80 -5.01
CA LEU A 177 3.85 4.55 -3.93
C LEU A 177 4.80 3.63 -3.17
N PHE A 178 6.03 4.08 -2.92
CA PHE A 178 6.98 3.39 -2.06
C PHE A 178 7.32 4.29 -0.87
N PHE A 179 7.48 3.71 0.33
CA PHE A 179 8.08 4.50 1.40
C PHE A 179 8.69 3.58 2.45
N TRP A 180 9.69 4.10 3.18
CA TRP A 180 10.27 3.29 4.26
C TRP A 180 9.19 2.94 5.29
N SER A 181 9.13 1.66 5.67
CA SER A 181 8.09 1.17 6.57
C SER A 181 8.30 1.56 8.02
N ASP A 182 9.50 2.01 8.41
CA ASP A 182 9.80 2.17 9.83
C ASP A 182 9.34 3.56 10.30
N ARG A 183 9.84 3.98 11.46
CA ARG A 183 9.36 5.20 12.11
C ARG A 183 9.69 6.47 11.33
N ARG A 184 10.47 6.38 10.24
CA ARG A 184 10.70 7.58 9.44
C ARG A 184 9.44 8.07 8.72
N ASN A 185 8.41 7.22 8.57
CA ASN A 185 7.21 7.57 7.80
C ASN A 185 5.92 7.24 8.56
N PRO A 186 5.60 7.97 9.62
CA PRO A 186 4.23 7.88 10.16
C PRO A 186 3.26 8.35 9.09
N HIS A 187 2.07 7.74 9.04
CA HIS A 187 1.11 8.15 8.01
C HIS A 187 -0.30 7.78 8.46
N GLU A 188 -1.27 8.29 7.71
CA GLU A 188 -2.68 8.13 8.09
C GLU A 188 -3.51 8.26 6.82
N VAL A 189 -4.73 7.73 6.87
CA VAL A 189 -5.69 7.92 5.78
C VAL A 189 -6.82 8.80 6.30
N GLN A 190 -7.03 9.93 5.64
CA GLN A 190 -8.11 10.82 6.01
C GLN A 190 -9.46 10.20 5.64
N PRO A 191 -10.53 10.58 6.32
CA PRO A 191 -11.83 9.95 6.08
C PRO A 191 -12.18 9.87 4.60
N ALA A 192 -12.65 8.70 4.19
CA ALA A 192 -13.04 8.43 2.81
C ALA A 192 -14.56 8.37 2.71
N TYR A 193 -15.12 9.11 1.74
CA TYR A 193 -16.58 9.22 1.55
C TYR A 193 -17.03 8.55 0.26
N ALA A 194 -16.15 7.78 -0.36
CA ALA A 194 -16.49 6.91 -1.48
C ALA A 194 -15.65 5.66 -1.33
N THR A 195 -16.06 4.59 -2.03
CA THR A 195 -15.30 3.34 -1.98
C THR A 195 -13.89 3.55 -2.50
N ARG A 196 -12.90 3.17 -1.69
CA ARG A 196 -11.49 3.46 -1.97
C ARG A 196 -10.70 2.17 -1.86
N TYR A 197 -10.02 1.78 -2.93
CA TYR A 197 -9.24 0.54 -2.99
C TYR A 197 -7.75 0.81 -3.06
N ALA A 198 -6.98 -0.12 -2.47
CA ALA A 198 -5.53 -0.08 -2.58
C ALA A 198 -4.97 -1.49 -2.38
N ILE A 199 -3.79 -1.74 -2.93
CA ILE A 199 -3.12 -3.04 -2.84
C ILE A 199 -1.73 -2.79 -2.28
N THR A 200 -1.39 -3.44 -1.17
CA THR A 200 -0.12 -3.21 -0.50
C THR A 200 0.69 -4.49 -0.40
N VAL A 201 1.99 -4.38 -0.65
CA VAL A 201 2.92 -5.43 -0.28
CA VAL A 201 2.95 -5.42 -0.35
C VAL A 201 4.04 -4.79 0.50
N TRP A 202 4.59 -5.55 1.44
CA TRP A 202 5.74 -5.11 2.23
C TRP A 202 6.95 -5.98 1.88
N TYR A 203 8.11 -5.35 1.70
CA TYR A 203 9.36 -6.04 1.41
C TYR A 203 10.21 -6.19 2.67
N PHE A 204 10.86 -7.35 2.80
CA PHE A 204 11.64 -7.69 3.98
C PHE A 204 13.13 -7.43 3.77
N ASP A 205 13.77 -6.88 4.80
CA ASP A 205 15.23 -6.83 4.83
C ASP A 205 15.77 -8.10 5.48
N ALA A 206 16.83 -8.67 4.88
CA ALA A 206 17.28 -10.00 5.30
C ALA A 206 17.75 -10.02 6.75
N ASP A 207 18.55 -9.03 7.16
CA ASP A 207 19.09 -9.06 8.51
C ASP A 207 17.99 -8.84 9.54
N GLU A 208 17.14 -7.83 9.32
CA GLU A 208 16.08 -7.58 10.30
C GLU A 208 15.12 -8.76 10.39
N ARG A 209 14.79 -9.36 9.25
CA ARG A 209 13.85 -10.50 9.28
C ARG A 209 14.46 -11.71 10.00
N ALA A 210 15.75 -11.94 9.80
CA ALA A 210 16.40 -13.09 10.45
C ALA A 210 16.36 -12.98 11.98
N ARG A 211 16.32 -11.75 12.51
CA ARG A 211 16.25 -11.52 13.95
C ARG A 211 14.83 -11.45 14.47
N ALA A 212 13.90 -10.95 13.66
CA ALA A 212 12.50 -10.97 14.06
C ALA A 212 12.06 -12.39 14.35
N LYS A 213 12.72 -13.36 13.72
CA LYS A 213 12.39 -14.77 13.92
C LYS A 213 12.42 -15.14 15.41
N VAL A 214 13.36 -14.58 16.16
CA VAL A 214 13.44 -14.86 17.61
C VAL A 214 12.53 -13.95 18.43
N LYS A 215 12.24 -12.74 17.94
CA LYS A 215 11.14 -11.98 18.53
C LYS A 215 9.79 -12.68 18.35
N TYR A 216 9.74 -13.78 17.60
CA TYR A 216 8.61 -14.70 17.56
C TYR A 216 9.05 -16.10 18.03
#